data_3T5F
#
_entry.id   3T5F
#
_cell.length_a   70.200
_cell.length_b   71.000
_cell.length_c   73.000
_cell.angle_alpha   90.00
_cell.angle_beta   100.50
_cell.angle_gamma   90.00
#
_symmetry.space_group_name_H-M   'C 1 2 1'
#
loop_
_entity.id
_entity.type
_entity.pdbx_description
1 polymer 'Thrombin Light Chain'
2 polymer 'Thrombin Heavy Chain'
3 polymer 'Hirudin variant-2'
4 non-polymer 2-acetamido-2-deoxy-beta-D-glucopyranose
5 non-polymer N-(benzylsulfonyl)-D-leucyl-N-[2-(aminomethyl)-5-chlorobenzyl]-L-prolinamide
6 non-polymer 'PHOSPHATE ION'
7 non-polymer GLYCEROL
8 non-polymer 'SODIUM ION'
9 water water
#
loop_
_entity_poly.entity_id
_entity_poly.type
_entity_poly.pdbx_seq_one_letter_code
_entity_poly.pdbx_strand_id
1 'polypeptide(L)' TFGSGEADCGLRPLFEKKSLEDKTERELLESYIDGR L
2 'polypeptide(L)'
;IVEGSDAEIGMSPWQVMLFRKSPQELLCGASLISDRWVLTAAHCLLYPPWDKNFTENDLLVRIGKHSRTRYERNIEKISM
LEKIYIHPRYNWRENLDRDIALMKLKKPVAFSDYIHPVCLPDRETAASLLQAGYKGRVTGWGNLKETWTANVGKGQPSVL
QVVNLPIVERPVCKDSTRIRITDNMFCAGYKPDEGKRGDACEGDSGGPFVMKSPFNNRWYQMGIVSWGEGCDRDGKYGFY
THVFRLKKWIQKVIDQFGE
;
H
3 'polypeptide(L)' NGDFEEIPEE(TYS)LQ I
#
loop_
_chem_comp.id
_chem_comp.type
_chem_comp.name
_chem_comp.formula
GOL non-polymer GLYCEROL 'C3 H8 O3'
M34 non-polymer N-(benzylsulfonyl)-D-leucyl-N-[2-(aminomethyl)-5-chlorobenzyl]-L-prolinamide 'C26 H35 Cl N4 O4 S'
NA non-polymer 'SODIUM ION' 'Na 1'
NAG D-saccharide, beta linking 2-acetamido-2-deoxy-beta-D-glucopyranose 'C8 H15 N O6'
PO4 non-polymer 'PHOSPHATE ION' 'O4 P -3'
#
# COMPACT_ATOMS: atom_id res chain seq x y z
N GLU A 6 9.34 -13.84 5.27
CA GLU A 6 8.70 -15.12 5.57
C GLU A 6 8.42 -15.22 7.07
N ALA A 7 9.18 -16.07 7.75
CA ALA A 7 9.05 -16.21 9.20
C ALA A 7 9.37 -14.89 9.90
N ASP A 8 10.06 -14.01 9.19
CA ASP A 8 10.52 -12.74 9.75
C ASP A 8 9.66 -11.56 9.28
N CYS A 9 8.56 -11.86 8.60
CA CYS A 9 7.75 -10.81 8.01
C CYS A 9 7.23 -9.83 9.07
N GLY A 10 7.08 -8.56 8.67
CA GLY A 10 6.45 -7.57 9.51
C GLY A 10 7.20 -7.08 10.72
N LEU A 11 8.48 -7.46 10.84
CA LEU A 11 9.34 -6.98 11.92
C LEU A 11 10.39 -6.09 11.30
N ARG A 12 10.31 -4.79 11.56
CA ARG A 12 11.18 -3.84 10.88
C ARG A 12 12.58 -3.81 11.49
N PRO A 13 13.62 -3.88 10.65
CA PRO A 13 15.00 -3.84 11.14
C PRO A 13 15.31 -2.65 12.05
N LEU A 14 14.76 -1.48 11.73
CA LEU A 14 15.12 -0.29 12.50
C LEU A 14 14.17 -0.02 13.65
N PHE A 15 13.18 -0.89 13.83
CA PHE A 15 12.20 -0.70 14.89
C PHE A 15 12.01 -1.96 15.72
N GLU A 16 11.11 -2.85 15.34
CA GLU A 16 10.86 -4.04 16.15
C GLU A 16 12.15 -4.83 16.42
N LYS A 17 13.01 -4.96 15.42
CA LYS A 17 14.20 -5.78 15.57
CA LYS A 17 14.22 -5.76 15.54
C LYS A 17 15.19 -5.21 16.60
N LYS A 18 15.07 -3.91 16.88
CA LYS A 18 15.91 -3.23 17.87
C LYS A 18 15.12 -2.81 19.11
N SER A 19 13.86 -3.23 19.20
CA SER A 19 12.95 -2.76 20.24
C SER A 19 12.88 -1.24 20.33
N LEU A 20 12.81 -0.58 19.17
CA LEU A 20 12.56 0.85 19.12
C LEU A 20 11.18 1.06 18.52
N GLU A 21 10.46 2.05 19.04
CA GLU A 21 9.12 2.35 18.55
C GLU A 21 9.12 3.58 17.67
N ASP A 22 8.28 3.57 16.65
CA ASP A 22 8.15 4.77 15.82
C ASP A 22 7.24 5.78 16.51
N LYS A 23 7.14 6.98 15.96
CA LYS A 23 6.53 8.09 16.69
C LYS A 23 5.01 8.01 16.84
N THR A 24 4.35 7.19 16.03
CA THR A 24 2.88 7.15 16.10
C THR A 24 2.27 5.76 16.21
N GLU A 25 3.09 4.72 16.34
CA GLU A 25 2.50 3.38 16.45
C GLU A 25 1.62 3.23 17.70
N ARG A 26 1.94 3.98 18.74
CA ARG A 26 1.13 3.95 19.96
C ARG A 26 -0.33 4.36 19.68
N GLU A 27 -0.53 5.28 18.75
CA GLU A 27 -1.89 5.67 18.34
C GLU A 27 -2.69 4.48 17.83
N LEU A 28 -2.02 3.58 17.11
CA LEU A 28 -2.69 2.39 16.60
C LEU A 28 -3.04 1.47 17.77
N LEU A 29 -2.06 1.20 18.63
CA LEU A 29 -2.26 0.30 19.76
C LEU A 29 -3.44 0.78 20.62
N GLU A 30 -3.49 2.09 20.88
CA GLU A 30 -4.54 2.66 21.71
C GLU A 30 -5.94 2.50 21.12
N SER A 31 -6.02 2.33 19.79
CA SER A 31 -7.31 2.15 19.13
C SER A 31 -7.79 0.71 19.19
N TYR A 32 -6.90 -0.23 19.53
CA TYR A 32 -7.24 -1.65 19.55
C TYR A 32 -7.83 -1.99 20.92
N ILE A 33 -9.09 -1.60 21.11
CA ILE A 33 -9.73 -1.66 22.42
C ILE A 33 -10.43 -3.00 22.66
N ILE B 1 -0.67 11.38 -0.08
CA ILE B 1 -1.27 11.34 1.25
C ILE B 1 -1.63 12.76 1.70
N VAL B 2 -2.89 12.95 2.06
CA VAL B 2 -3.36 14.25 2.53
C VAL B 2 -3.34 14.27 4.04
N GLU B 3 -2.78 15.33 4.61
CA GLU B 3 -2.77 15.55 6.06
C GLU B 3 -2.00 14.49 6.84
N GLY B 4 -0.96 13.95 6.21
CA GLY B 4 -0.05 13.03 6.87
C GLY B 4 1.24 13.74 7.28
N SER B 5 2.27 12.94 7.54
CA SER B 5 3.57 13.45 7.95
CA SER B 5 3.57 13.48 7.91
C SER B 5 4.69 12.69 7.25
N ASP B 6 5.90 13.25 7.30
CA ASP B 6 7.05 12.54 6.75
C ASP B 6 7.25 11.24 7.50
N ALA B 7 7.48 10.16 6.76
CA ALA B 7 7.84 8.90 7.38
C ALA B 7 9.21 9.01 8.04
N GLU B 8 9.41 8.21 9.07
CA GLU B 8 10.74 8.04 9.64
C GLU B 8 11.52 7.08 8.75
N ILE B 9 12.84 7.16 8.83
CA ILE B 9 13.67 6.26 8.04
C ILE B 9 13.40 4.81 8.45
N GLY B 10 13.15 3.95 7.47
CA GLY B 10 12.90 2.54 7.73
C GLY B 10 11.55 2.23 8.38
N MET B 11 10.64 3.21 8.38
CA MET B 11 9.35 3.05 9.03
C MET B 11 8.42 2.09 8.29
N SER B 12 8.59 2.03 6.96
CA SER B 12 7.74 1.22 6.10
CA SER B 12 7.74 1.21 6.10
C SER B 12 8.61 0.50 5.07
N PRO B 13 9.44 -0.46 5.53
CA PRO B 13 10.46 -1.05 4.65
C PRO B 13 9.87 -1.98 3.59
N TRP B 14 8.58 -2.25 3.67
CA TRP B 14 7.86 -2.97 2.62
C TRP B 14 7.29 -2.06 1.54
N GLN B 15 7.45 -0.75 1.69
CA GLN B 15 6.94 0.21 0.72
CA GLN B 15 6.89 0.17 0.71
C GLN B 15 7.61 0.03 -0.63
N VAL B 16 6.83 -0.03 -1.69
CA VAL B 16 7.38 -0.16 -3.04
C VAL B 16 6.82 0.96 -3.90
N MET B 17 7.68 1.50 -4.77
CA MET B 17 7.25 2.48 -5.75
C MET B 17 7.17 1.82 -7.11
N LEU B 18 6.01 1.90 -7.75
CA LEU B 18 5.88 1.46 -9.13
CA LEU B 18 5.88 1.45 -9.13
C LEU B 18 6.28 2.63 -10.02
N PHE B 19 7.28 2.40 -10.87
CA PHE B 19 7.90 3.47 -11.63
C PHE B 19 7.80 3.23 -13.14
N ARG B 20 7.32 4.23 -13.86
CA ARG B 20 7.19 4.12 -15.31
C ARG B 20 8.55 4.40 -15.93
N LYS B 21 8.95 3.57 -16.89
CA LYS B 21 10.24 3.73 -17.56
C LYS B 21 10.30 4.96 -18.45
N SER B 22 9.26 5.15 -19.25
CA SER B 22 9.23 6.26 -20.21
C SER B 22 7.80 6.74 -20.45
N PRO B 23 7.51 7.99 -20.04
CA PRO B 23 8.49 8.85 -19.36
C PRO B 23 8.72 8.35 -17.93
N GLN B 24 9.83 8.76 -17.33
CA GLN B 24 10.13 8.36 -15.96
C GLN B 24 9.26 9.14 -14.98
N GLU B 25 8.38 8.43 -14.28
CA GLU B 25 7.47 9.07 -13.34
C GLU B 25 6.88 8.04 -12.38
N LEU B 26 6.36 8.51 -11.25
CA LEU B 26 5.65 7.65 -10.31
C LEU B 26 4.37 7.13 -10.94
N LEU B 27 4.11 5.84 -10.82
CA LEU B 27 2.84 5.27 -11.27
C LEU B 27 1.90 4.92 -10.13
N CYS B 28 2.45 4.38 -9.05
CA CYS B 28 1.62 3.86 -7.98
C CYS B 28 2.50 3.46 -6.83
N GLY B 29 1.87 3.15 -5.70
CA GLY B 29 2.52 2.42 -4.64
C GLY B 29 2.28 0.93 -4.78
N ALA B 30 2.91 0.17 -3.90
CA ALA B 30 2.84 -1.26 -3.89
C ALA B 30 3.53 -1.71 -2.58
N SER B 31 3.57 -3.01 -2.33
CA SER B 31 4.22 -3.51 -1.12
C SER B 31 4.99 -4.80 -1.37
N LEU B 32 6.04 -5.00 -0.58
CA LEU B 32 6.87 -6.19 -0.69
C LEU B 32 6.34 -7.27 0.25
N ILE B 33 5.98 -8.43 -0.30
CA ILE B 33 5.46 -9.51 0.56
C ILE B 33 6.37 -10.74 0.64
N SER B 34 7.42 -10.74 -0.17
CA SER B 34 8.48 -11.75 -0.09
C SER B 34 9.64 -11.25 -0.92
N ASP B 35 10.71 -12.04 -1.03
CA ASP B 35 11.86 -11.57 -1.80
C ASP B 35 11.61 -11.49 -3.31
N ARG B 36 10.50 -12.03 -3.79
CA ARG B 36 10.25 -11.97 -5.23
CA ARG B 36 10.20 -12.09 -5.22
C ARG B 36 8.83 -11.56 -5.62
N TRP B 37 7.98 -11.24 -4.64
CA TRP B 37 6.60 -10.88 -4.93
C TRP B 37 6.23 -9.51 -4.39
N VAL B 38 5.53 -8.74 -5.21
CA VAL B 38 5.07 -7.42 -4.85
C VAL B 38 3.55 -7.33 -5.07
N LEU B 39 2.86 -6.74 -4.11
CA LEU B 39 1.40 -6.65 -4.13
C LEU B 39 1.00 -5.22 -4.48
N THR B 40 -0.02 -5.06 -5.32
CA THR B 40 -0.50 -3.73 -5.66
C THR B 40 -1.99 -3.76 -6.02
N ALA B 41 -2.53 -2.62 -6.43
CA ALA B 41 -3.92 -2.54 -6.89
C ALA B 41 -3.95 -2.87 -8.38
N ALA B 42 -4.98 -3.60 -8.80
CA ALA B 42 -5.16 -3.91 -10.22
C ALA B 42 -5.27 -2.64 -11.06
N HIS B 43 -5.90 -1.60 -10.53
CA HIS B 43 -6.12 -0.39 -11.33
C HIS B 43 -4.83 0.38 -11.60
N CYS B 44 -3.76 0.02 -10.89
CA CYS B 44 -2.44 0.55 -11.18
C CYS B 44 -1.88 0.05 -12.49
N LEU B 45 -2.36 -1.12 -12.91
CA LEU B 45 -1.87 -1.78 -14.12
C LEU B 45 -2.88 -1.79 -15.24
N LEU B 46 -4.16 -1.87 -14.88
CA LEU B 46 -5.22 -2.00 -15.87
C LEU B 46 -6.41 -1.13 -15.50
N TYR B 47 -6.65 -0.09 -16.29
CA TYR B 47 -7.81 0.76 -16.07
C TYR B 47 -8.25 1.36 -17.39
N PRO B 48 -9.05 0.61 -18.14
CA PRO B 48 -9.44 1.02 -19.50
C PRO B 48 -10.11 2.40 -19.60
N PRO B 49 -10.88 2.83 -18.59
CA PRO B 49 -11.49 4.17 -18.73
C PRO B 49 -10.45 5.27 -18.94
N TRP B 50 -9.22 5.06 -18.47
CA TRP B 50 -8.15 6.04 -18.62
C TRP B 50 -7.08 5.55 -19.59
N ASP B 51 -7.41 4.55 -20.40
CA ASP B 51 -6.49 4.01 -21.39
C ASP B 51 -5.22 3.46 -20.76
N LYS B 52 -5.36 2.87 -19.58
CA LYS B 52 -4.21 2.31 -18.88
C LYS B 52 -4.18 0.79 -19.01
N ASN B 53 -3.09 0.28 -19.55
CA ASN B 53 -2.88 -1.15 -19.66
C ASN B 53 -1.41 -1.41 -19.76
N PHE B 54 -0.75 -1.49 -18.61
CA PHE B 54 0.70 -1.65 -18.61
C PHE B 54 1.13 -3.10 -18.77
N THR B 55 2.25 -3.29 -19.46
CA THR B 55 2.87 -4.60 -19.57
C THR B 55 4.12 -4.61 -18.71
N GLU B 56 4.66 -5.79 -18.44
CA GLU B 56 5.83 -5.94 -17.58
C GLU B 56 6.98 -5.02 -17.98
N ASN B 57 7.22 -4.89 -19.28
CA ASN B 57 8.39 -4.15 -19.76
C ASN B 57 8.26 -2.64 -19.65
N ASP B 58 7.06 -2.18 -19.31
CA ASP B 58 6.79 -0.75 -19.19
C ASP B 58 7.25 -0.21 -17.84
N LEU B 59 7.46 -1.11 -16.89
CA LEU B 59 7.54 -0.73 -15.47
C LEU B 59 8.81 -1.17 -14.77
N LEU B 60 9.13 -0.48 -13.69
CA LEU B 60 10.15 -0.90 -12.74
C LEU B 60 9.56 -0.83 -11.34
N VAL B 61 10.11 -1.60 -10.41
CA VAL B 61 9.78 -1.41 -9.00
C VAL B 61 10.99 -0.89 -8.26
N ARG B 62 10.78 0.11 -7.41
CA ARG B 62 11.86 0.69 -6.62
C ARG B 62 11.55 0.46 -5.15
N ILE B 63 12.47 -0.23 -4.48
CA ILE B 63 12.26 -0.72 -3.13
C ILE B 63 13.29 -0.11 -2.20
N GLY B 64 12.90 0.19 -0.97
CA GLY B 64 13.79 0.78 0.00
C GLY B 64 13.86 2.29 -0.07
N LYS B 65 12.90 2.90 -0.75
CA LYS B 65 12.94 4.34 -0.96
C LYS B 65 12.37 5.16 0.20
N HIS B 66 12.81 6.42 0.27
CA HIS B 66 12.29 7.40 1.20
C HIS B 66 11.98 8.67 0.42
N SER B 67 13.01 9.28 -0.17
CA SER B 67 12.79 10.40 -1.07
C SER B 67 11.93 9.98 -2.28
N ARG B 68 11.00 10.82 -2.68
CA ARG B 68 10.17 10.55 -3.85
C ARG B 68 10.97 10.59 -5.14
N THR B 69 11.75 11.65 -5.33
CA THR B 69 12.33 11.93 -6.64
C THR B 69 13.80 11.55 -6.81
N ARG B 70 14.54 11.45 -5.72
N ARG B 70 14.53 11.48 -5.71
CA ARG B 70 15.97 11.22 -5.80
CA ARG B 70 15.97 11.18 -5.75
C ARG B 70 16.32 9.75 -6.01
C ARG B 70 16.26 9.73 -6.10
N TYR B 71 17.39 9.50 -6.76
CA TYR B 71 17.93 8.15 -6.88
C TYR B 71 18.77 7.90 -5.62
N GLU B 72 18.26 7.02 -4.76
CA GLU B 72 18.84 6.83 -3.44
C GLU B 72 19.93 5.78 -3.48
N ARG B 73 21.07 6.20 -4.03
CA ARG B 73 22.21 5.34 -4.24
C ARG B 73 22.61 4.61 -2.96
N ASN B 74 22.90 3.32 -3.10
CA ASN B 74 23.34 2.48 -1.98
C ASN B 74 22.23 2.11 -0.98
N ILE B 75 21.01 2.58 -1.24
CA ILE B 75 19.88 2.31 -0.35
C ILE B 75 18.73 1.65 -1.09
N GLU B 76 18.21 2.32 -2.10
CA GLU B 76 17.11 1.72 -2.85
C GLU B 76 17.64 0.66 -3.81
N LYS B 77 16.76 -0.27 -4.17
CA LYS B 77 17.06 -1.29 -5.16
C LYS B 77 15.96 -1.26 -6.19
N ILE B 78 16.36 -1.39 -7.45
CA ILE B 78 15.43 -1.32 -8.56
C ILE B 78 15.32 -2.69 -9.23
N SER B 79 14.09 -3.17 -9.38
CA SER B 79 13.86 -4.51 -9.92
C SER B 79 13.00 -4.47 -11.19
N MET B 80 13.28 -5.39 -12.10
CA MET B 80 12.46 -5.56 -13.29
C MET B 80 11.37 -6.60 -13.00
N LEU B 81 10.29 -6.53 -13.77
CA LEU B 81 9.16 -7.44 -13.59
C LEU B 81 9.25 -8.65 -14.51
N GLU B 82 9.05 -9.82 -13.94
CA GLU B 82 8.94 -11.04 -14.72
C GLU B 82 7.52 -11.22 -15.25
N LYS B 83 6.53 -11.01 -14.38
CA LYS B 83 5.15 -11.24 -14.75
C LYS B 83 4.17 -10.48 -13.83
N ILE B 84 3.08 -10.00 -14.44
CA ILE B 84 1.97 -9.39 -13.73
C ILE B 84 0.79 -10.35 -13.72
N TYR B 85 0.13 -10.45 -12.57
CA TYR B 85 -1.09 -11.23 -12.44
C TYR B 85 -2.19 -10.36 -11.86
N ILE B 86 -3.28 -10.20 -12.62
CA ILE B 86 -4.40 -9.39 -12.15
C ILE B 86 -5.54 -10.33 -11.78
N HIS B 87 -6.27 -10.00 -10.71
CA HIS B 87 -7.40 -10.84 -10.33
C HIS B 87 -8.34 -11.02 -11.52
N PRO B 88 -8.74 -12.27 -11.80
CA PRO B 88 -9.61 -12.53 -12.96
C PRO B 88 -11.00 -11.92 -12.85
N ARG B 89 -11.42 -11.56 -11.64
CA ARG B 89 -12.74 -10.97 -11.44
C ARG B 89 -12.65 -9.51 -10.98
N TYR B 90 -11.49 -8.90 -11.20
CA TYR B 90 -11.33 -7.46 -11.02
C TYR B 90 -12.38 -6.69 -11.83
N ASN B 91 -13.17 -5.88 -11.14
CA ASN B 91 -14.28 -5.16 -11.77
C ASN B 91 -13.95 -3.69 -11.99
N TRP B 92 -13.24 -3.39 -13.08
CA TRP B 92 -12.89 -2.01 -13.38
C TRP B 92 -14.06 -1.25 -13.99
N ARG B 93 -15.12 -1.97 -14.35
CA ARG B 93 -16.24 -1.32 -15.04
C ARG B 93 -17.11 -0.51 -14.10
N GLU B 94 -17.24 -0.97 -12.85
CA GLU B 94 -18.20 -0.39 -11.94
C GLU B 94 -17.60 0.25 -10.68
N ASN B 95 -17.02 -0.59 -9.81
CA ASN B 95 -16.67 -0.16 -8.47
C ASN B 95 -15.29 -0.62 -7.99
N LEU B 96 -14.46 -1.10 -8.91
CA LEU B 96 -13.11 -1.60 -8.57
C LEU B 96 -13.16 -2.79 -7.60
N ASP B 97 -14.23 -3.58 -7.67
CA ASP B 97 -14.31 -4.80 -6.86
C ASP B 97 -13.10 -5.71 -7.16
N ARG B 98 -12.49 -6.24 -6.10
CA ARG B 98 -11.35 -7.14 -6.23
C ARG B 98 -10.16 -6.44 -6.90
N ASP B 99 -9.85 -5.25 -6.38
CA ASP B 99 -8.79 -4.40 -6.93
C ASP B 99 -7.42 -4.86 -6.42
N ILE B 100 -6.91 -5.92 -7.03
CA ILE B 100 -5.69 -6.55 -6.53
C ILE B 100 -4.87 -7.15 -7.67
N ALA B 101 -3.55 -7.01 -7.57
CA ALA B 101 -2.64 -7.59 -8.54
C ALA B 101 -1.33 -7.97 -7.88
N LEU B 102 -0.68 -8.98 -8.44
CA LEU B 102 0.63 -9.40 -7.99
C LEU B 102 1.64 -9.20 -9.10
N MET B 103 2.87 -8.91 -8.71
CA MET B 103 3.97 -8.75 -9.64
CA MET B 103 3.95 -8.77 -9.65
C MET B 103 5.13 -9.62 -9.16
N LYS B 104 5.63 -10.48 -10.04
CA LYS B 104 6.78 -11.31 -9.69
C LYS B 104 8.03 -10.64 -10.24
N LEU B 105 9.05 -10.53 -9.40
CA LEU B 105 10.30 -9.90 -9.81
C LEU B 105 11.17 -10.88 -10.59
N LYS B 106 11.99 -10.34 -11.50
CA LYS B 106 12.88 -11.18 -12.30
C LYS B 106 13.92 -11.88 -11.42
N LYS B 107 14.40 -11.18 -10.40
CA LYS B 107 15.37 -11.73 -9.46
C LYS B 107 14.97 -11.33 -8.05
N PRO B 108 15.37 -12.13 -7.05
CA PRO B 108 15.04 -11.80 -5.66
C PRO B 108 15.76 -10.54 -5.19
N VAL B 109 15.06 -9.72 -4.42
CA VAL B 109 15.65 -8.52 -3.84
C VAL B 109 16.32 -8.86 -2.51
N ALA B 110 17.48 -8.27 -2.26
CA ALA B 110 18.17 -8.46 -0.99
C ALA B 110 17.53 -7.61 0.10
N PHE B 111 17.19 -8.25 1.23
CA PHE B 111 16.66 -7.49 2.36
C PHE B 111 17.77 -6.67 3.02
N SER B 112 17.38 -5.58 3.67
CA SER B 112 18.32 -4.68 4.33
C SER B 112 17.60 -3.92 5.45
N ASP B 113 18.26 -2.94 6.06
CA ASP B 113 17.58 -2.10 7.05
C ASP B 113 16.37 -1.38 6.45
N TYR B 114 16.39 -1.21 5.12
CA TYR B 114 15.40 -0.37 4.41
C TYR B 114 14.41 -1.17 3.59
N ILE B 115 14.65 -2.48 3.49
CA ILE B 115 13.90 -3.36 2.61
C ILE B 115 13.54 -4.63 3.36
N HIS B 116 12.25 -4.85 3.59
CA HIS B 116 11.81 -5.97 4.40
C HIS B 116 10.32 -6.19 4.15
N PRO B 117 9.89 -7.46 4.03
CA PRO B 117 8.49 -7.76 3.69
C PRO B 117 7.51 -7.58 4.85
N VAL B 118 6.27 -7.24 4.49
CA VAL B 118 5.16 -7.13 5.42
C VAL B 118 4.46 -8.50 5.49
N CYS B 119 3.77 -8.79 6.59
CA CYS B 119 2.98 -10.02 6.69
C CYS B 119 1.63 -9.86 6.02
N LEU B 120 1.10 -10.96 5.49
CA LEU B 120 -0.30 -10.98 5.06
C LEU B 120 -1.11 -11.64 6.16
N PRO B 121 -2.33 -11.15 6.40
CA PRO B 121 -3.14 -11.64 7.51
C PRO B 121 -3.68 -13.05 7.29
N ASP B 122 -3.77 -13.79 8.38
CA ASP B 122 -4.55 -15.03 8.42
C ASP B 122 -5.96 -14.66 8.86
N ARG B 123 -6.87 -15.64 8.83
CA ARG B 123 -8.27 -15.40 9.15
C ARG B 123 -8.44 -14.82 10.55
N GLU B 124 -7.67 -15.34 11.50
CA GLU B 124 -7.79 -14.92 12.90
C GLU B 124 -7.31 -13.49 13.13
N THR B 125 -6.17 -13.12 12.57
CA THR B 125 -5.68 -11.77 12.74
CA THR B 125 -5.68 -11.75 12.72
C THR B 125 -6.64 -10.77 12.06
N ALA B 126 -7.16 -11.16 10.89
CA ALA B 126 -8.15 -10.32 10.19
C ALA B 126 -9.40 -10.11 11.04
N ALA B 127 -9.92 -11.19 11.62
CA ALA B 127 -11.13 -11.10 12.43
C ALA B 127 -10.89 -10.22 13.64
N SER B 128 -9.70 -10.35 14.23
CA SER B 128 -9.36 -9.60 15.42
C SER B 128 -9.19 -8.11 15.17
N LEU B 129 -8.60 -7.76 14.03
CA LEU B 129 -8.17 -6.39 13.80
C LEU B 129 -9.06 -5.55 12.90
N LEU B 130 -9.82 -6.19 12.01
CA LEU B 130 -10.67 -5.45 11.07
C LEU B 130 -11.98 -5.08 11.74
N GLN B 131 -11.90 -4.12 12.66
CA GLN B 131 -13.06 -3.69 13.44
C GLN B 131 -13.19 -2.18 13.37
N ALA B 132 -14.42 -1.68 13.32
CA ALA B 132 -14.66 -0.25 13.26
C ALA B 132 -13.96 0.43 14.43
N GLY B 133 -13.27 1.53 14.15
CA GLY B 133 -12.56 2.26 15.19
C GLY B 133 -11.09 1.91 15.29
N TYR B 134 -10.74 0.67 14.96
CA TYR B 134 -9.33 0.28 14.98
C TYR B 134 -8.59 1.01 13.88
N LYS B 135 -7.40 1.51 14.19
CA LYS B 135 -6.66 2.31 13.22
C LYS B 135 -5.60 1.50 12.49
N GLY B 136 -5.44 1.82 11.21
CA GLY B 136 -4.33 1.32 10.43
C GLY B 136 -3.53 2.49 9.89
N ARG B 137 -2.52 2.17 9.10
CA ARG B 137 -1.58 3.17 8.62
C ARG B 137 -1.45 3.06 7.12
N VAL B 138 -1.51 4.20 6.44
CA VAL B 138 -1.39 4.26 4.99
C VAL B 138 -0.18 5.09 4.64
N THR B 139 0.57 4.65 3.62
CA THR B 139 1.80 5.32 3.25
C THR B 139 1.88 5.48 1.74
N GLY B 140 2.53 6.54 1.29
CA GLY B 140 2.69 6.73 -0.14
C GLY B 140 3.35 8.04 -0.52
N TRP B 141 3.67 8.16 -1.80
CA TRP B 141 4.29 9.36 -2.36
C TRP B 141 3.31 10.14 -3.21
N GLY B 142 2.01 9.88 -3.03
CA GLY B 142 0.98 10.51 -3.83
C GLY B 142 0.78 11.97 -3.47
N ASN B 143 -0.15 12.62 -4.16
CA ASN B 143 -0.38 14.04 -3.95
C ASN B 143 -0.79 14.39 -2.53
N LEU B 144 -0.42 15.61 -2.13
CA LEU B 144 -0.69 16.10 -0.79
C LEU B 144 -2.09 16.72 -0.66
N LYS B 145 -2.71 17.02 -1.81
CA LYS B 145 -4.04 17.60 -1.83
C LYS B 145 -4.77 17.13 -3.09
N GLU B 146 -6.09 17.16 -3.05
CA GLU B 146 -6.87 16.74 -4.21
C GLU B 146 -6.59 17.62 -5.43
N THR B 147 -6.40 18.91 -5.19
CA THR B 147 -6.14 19.84 -6.29
C THR B 147 -5.11 20.91 -5.92
N GLY B 155 1.95 20.47 -3.23
CA GLY B 155 1.43 19.59 -4.26
C GLY B 155 1.90 18.15 -4.09
N GLN B 156 3.21 17.94 -4.24
CA GLN B 156 3.77 16.59 -4.13
C GLN B 156 4.91 16.56 -3.12
N PRO B 157 5.03 15.45 -2.38
CA PRO B 157 5.96 15.40 -1.23
C PRO B 157 7.43 15.17 -1.61
N SER B 158 8.33 15.68 -0.77
CA SER B 158 9.74 15.39 -0.92
C SER B 158 10.04 13.96 -0.51
N VAL B 159 9.40 13.48 0.56
CA VAL B 159 9.64 12.12 1.05
C VAL B 159 8.33 11.37 1.33
N LEU B 160 8.45 10.06 1.50
CA LEU B 160 7.33 9.19 1.83
C LEU B 160 6.46 9.78 2.94
N GLN B 161 5.14 9.76 2.73
CA GLN B 161 4.20 10.27 3.70
C GLN B 161 3.46 9.14 4.41
N VAL B 162 3.03 9.41 5.63
CA VAL B 162 2.31 8.42 6.43
CA VAL B 162 2.32 8.42 6.44
C VAL B 162 1.12 9.06 7.13
N VAL B 163 0.03 8.31 7.24
CA VAL B 163 -1.13 8.79 7.99
C VAL B 163 -1.82 7.59 8.65
N ASN B 164 -2.27 7.77 9.89
CA ASN B 164 -3.02 6.74 10.60
C ASN B 164 -4.50 7.06 10.51
N LEU B 165 -5.32 6.07 10.16
CA LEU B 165 -6.75 6.29 9.95
C LEU B 165 -7.60 5.17 10.53
N PRO B 166 -8.75 5.51 11.12
CA PRO B 166 -9.62 4.49 11.70
C PRO B 166 -10.51 3.80 10.66
N ILE B 167 -10.67 2.49 10.83
CA ILE B 167 -11.62 1.72 10.05
C ILE B 167 -13.03 2.20 10.39
N VAL B 168 -13.88 2.29 9.38
CA VAL B 168 -15.24 2.84 9.53
C VAL B 168 -16.30 1.74 9.44
N GLU B 169 -17.38 1.88 10.21
CA GLU B 169 -18.49 0.95 10.20
C GLU B 169 -19.04 0.79 8.79
N ARG B 170 -19.34 -0.44 8.39
CA ARG B 170 -19.76 -0.69 7.00
CA ARG B 170 -19.77 -0.70 7.01
C ARG B 170 -21.00 0.11 6.58
N PRO B 171 -22.01 0.25 7.47
CA PRO B 171 -23.16 1.06 7.02
C PRO B 171 -22.83 2.53 6.77
N VAL B 172 -21.88 3.08 7.53
CA VAL B 172 -21.42 4.44 7.32
C VAL B 172 -20.67 4.55 5.99
N CYS B 173 -19.80 3.56 5.71
CA CYS B 173 -19.14 3.50 4.40
C CYS B 173 -20.18 3.53 3.28
N LYS B 174 -21.18 2.65 3.40
CA LYS B 174 -22.19 2.55 2.36
C LYS B 174 -22.98 3.84 2.19
N ASP B 175 -23.33 4.46 3.30
CA ASP B 175 -24.14 5.67 3.27
C ASP B 175 -23.38 6.91 2.81
N SER B 176 -22.07 6.78 2.61
CA SER B 176 -21.23 7.92 2.22
C SER B 176 -21.10 8.08 0.70
N THR B 177 -21.67 7.14 -0.05
CA THR B 177 -21.44 7.11 -1.49
C THR B 177 -22.63 6.51 -2.23
N ARG B 178 -22.72 6.79 -3.53
CA ARG B 178 -23.71 6.14 -4.37
C ARG B 178 -23.14 4.88 -5.01
N ILE B 179 -21.83 4.70 -4.90
CA ILE B 179 -21.14 3.53 -5.43
CA ILE B 179 -21.18 3.53 -5.46
C ILE B 179 -21.51 2.28 -4.64
N ARG B 180 -21.68 1.15 -5.33
CA ARG B 180 -21.96 -0.11 -4.66
C ARG B 180 -20.71 -0.66 -3.97
N ILE B 181 -20.78 -0.79 -2.65
CA ILE B 181 -19.67 -1.34 -1.87
C ILE B 181 -19.82 -2.86 -1.74
N THR B 182 -18.71 -3.58 -1.78
CA THR B 182 -18.75 -5.04 -1.65
C THR B 182 -17.97 -5.52 -0.43
N ASP B 183 -18.14 -6.79 -0.10
CA ASP B 183 -17.39 -7.42 1.00
C ASP B 183 -15.88 -7.45 0.73
N ASN B 184 -15.47 -7.20 -0.51
CA ASN B 184 -14.05 -7.20 -0.86
C ASN B 184 -13.38 -5.85 -0.65
N MET B 185 -14.10 -4.95 0.01
CA MET B 185 -13.62 -3.60 0.34
C MET B 185 -13.89 -3.29 1.79
N PHE B 186 -13.07 -2.44 2.37
CA PHE B 186 -13.46 -1.76 3.60
C PHE B 186 -13.11 -0.28 3.46
N CYS B 187 -13.67 0.57 4.31
CA CYS B 187 -13.33 1.99 4.21
C CYS B 187 -12.75 2.51 5.51
N ALA B 188 -12.00 3.60 5.43
CA ALA B 188 -11.29 4.16 6.57
C ALA B 188 -11.20 5.66 6.43
N GLY B 189 -11.10 6.34 7.56
CA GLY B 189 -10.99 7.78 7.58
C GLY B 189 -11.79 8.35 8.72
N TYR B 190 -11.56 9.63 9.02
CA TYR B 190 -12.29 10.31 10.07
C TYR B 190 -13.63 10.85 9.57
N LYS B 191 -14.61 10.90 10.47
CA LYS B 191 -15.90 11.47 10.16
C LYS B 191 -15.81 12.99 10.29
N PRO B 192 -16.69 13.72 9.62
CA PRO B 192 -16.67 15.19 9.71
C PRO B 192 -16.62 15.70 11.15
N ASP B 193 -17.32 15.04 12.06
CA ASP B 193 -17.42 15.51 13.43
C ASP B 193 -16.22 15.13 14.32
N GLU B 194 -15.24 14.42 13.75
CA GLU B 194 -14.13 13.92 14.56
C GLU B 194 -12.91 14.84 14.62
N GLY B 195 -12.94 15.95 13.88
CA GLY B 195 -11.88 16.93 13.94
C GLY B 195 -10.65 16.59 13.12
N LYS B 196 -10.08 15.41 13.36
CA LYS B 196 -8.89 14.97 12.63
C LYS B 196 -9.25 14.64 11.19
N ARG B 197 -8.26 14.58 10.31
CA ARG B 197 -8.52 14.20 8.94
C ARG B 197 -7.36 13.43 8.31
N GLY B 198 -7.37 13.29 7.00
CA GLY B 198 -6.37 12.50 6.31
C GLY B 198 -6.97 11.48 5.37
N ASP B 199 -6.24 11.17 4.30
CA ASP B 199 -6.72 10.25 3.27
C ASP B 199 -5.54 9.92 2.36
N ALA B 200 -5.71 8.86 1.57
CA ALA B 200 -4.84 8.62 0.44
C ALA B 200 -5.26 9.58 -0.67
N CYS B 201 -4.45 9.67 -1.72
CA CYS B 201 -4.81 10.50 -2.84
C CYS B 201 -4.20 9.93 -4.11
N GLU B 202 -4.32 10.66 -5.22
CA GLU B 202 -3.73 10.25 -6.48
C GLU B 202 -2.24 9.95 -6.31
N GLY B 203 -1.83 8.78 -6.76
CA GLY B 203 -0.44 8.38 -6.65
C GLY B 203 -0.18 7.41 -5.50
N ASP B 204 -1.11 7.35 -4.55
CA ASP B 204 -0.99 6.44 -3.41
C ASP B 204 -1.61 5.08 -3.71
N SER B 205 -2.41 5.03 -4.76
CA SER B 205 -2.98 3.79 -5.27
C SER B 205 -2.02 2.62 -5.20
N GLY B 206 -2.52 1.48 -4.73
CA GLY B 206 -1.74 0.26 -4.70
C GLY B 206 -0.86 0.10 -3.47
N GLY B 207 -0.68 1.18 -2.70
CA GLY B 207 0.09 1.11 -1.46
C GLY B 207 -0.66 0.39 -0.35
N PRO B 208 0.04 0.14 0.74
CA PRO B 208 -0.52 -0.70 1.80
C PRO B 208 -1.24 0.08 2.93
N PHE B 209 -2.32 -0.53 3.43
CA PHE B 209 -2.97 -0.17 4.68
C PHE B 209 -2.53 -1.25 5.67
N VAL B 210 -1.69 -0.87 6.64
CA VAL B 210 -1.13 -1.85 7.59
C VAL B 210 -1.60 -1.64 9.02
N MET B 211 -1.56 -2.71 9.80
CA MET B 211 -1.92 -2.66 11.21
C MET B 211 -0.87 -3.44 11.98
N LYS B 212 -0.54 -2.98 13.18
CA LYS B 212 0.45 -3.68 14.00
C LYS B 212 -0.27 -4.58 15.00
N SER B 213 -0.14 -5.89 14.83
CA SER B 213 -0.84 -6.80 15.71
C SER B 213 -0.35 -6.63 17.15
N PRO B 214 -1.29 -6.42 18.09
CA PRO B 214 -0.89 -6.35 19.50
C PRO B 214 -0.66 -7.74 20.11
N PHE B 215 -0.94 -8.78 19.34
CA PHE B 215 -0.75 -10.15 19.79
C PHE B 215 0.67 -10.64 19.56
N ASN B 216 1.26 -10.28 18.42
CA ASN B 216 2.61 -10.76 18.13
C ASN B 216 3.58 -9.66 17.70
N ASN B 217 3.12 -8.41 17.77
CA ASN B 217 3.94 -7.23 17.44
C ASN B 217 4.48 -7.20 16.00
N ARG B 218 3.78 -7.86 15.08
CA ARG B 218 4.14 -7.82 13.66
C ARG B 218 3.17 -6.95 12.88
N TRP B 219 3.68 -6.32 11.83
CA TRP B 219 2.86 -5.55 10.91
C TRP B 219 2.23 -6.43 9.84
N TYR B 220 0.92 -6.25 9.66
CA TYR B 220 0.14 -6.98 8.68
C TYR B 220 -0.48 -6.03 7.68
N GLN B 221 -0.45 -6.40 6.40
CA GLN B 221 -1.15 -5.60 5.40
C GLN B 221 -2.60 -6.05 5.27
N MET B 222 -3.51 -5.23 5.78
CA MET B 222 -4.93 -5.56 5.76
CA MET B 222 -4.93 -5.57 5.76
C MET B 222 -5.62 -5.06 4.50
N GLY B 223 -5.08 -3.98 3.92
CA GLY B 223 -5.73 -3.36 2.77
C GLY B 223 -4.77 -2.87 1.71
N ILE B 224 -5.33 -2.52 0.56
CA ILE B 224 -4.59 -1.91 -0.54
C ILE B 224 -5.34 -0.64 -0.90
N VAL B 225 -4.61 0.48 -0.98
CA VAL B 225 -5.21 1.74 -1.40
C VAL B 225 -5.93 1.57 -2.73
N SER B 226 -7.24 1.76 -2.74
CA SER B 226 -8.04 1.48 -3.92
C SER B 226 -8.73 2.70 -4.52
N TRP B 227 -9.71 3.28 -3.82
CA TRP B 227 -10.46 4.37 -4.41
C TRP B 227 -11.09 5.31 -3.39
N GLY B 228 -11.41 6.50 -3.85
CA GLY B 228 -12.09 7.49 -3.04
C GLY B 228 -12.65 8.57 -3.94
N GLU B 229 -13.76 9.15 -3.53
CA GLU B 229 -14.34 10.24 -4.29
C GLU B 229 -13.64 11.56 -3.94
N GLY B 230 -12.64 11.91 -4.73
CA GLY B 230 -11.75 13.00 -4.38
C GLY B 230 -10.69 12.52 -3.40
N CYS B 231 -10.14 13.45 -2.62
CA CYS B 231 -9.17 13.11 -1.58
C CYS B 231 -9.51 13.91 -0.34
N ASP B 232 -9.62 13.23 0.80
CA ASP B 232 -9.84 13.89 2.08
C ASP B 232 -11.08 14.80 2.11
N ARG B 233 -12.14 14.44 1.40
CA ARG B 233 -13.36 15.24 1.42
C ARG B 233 -14.18 14.93 2.67
N ASP B 234 -14.77 15.96 3.25
CA ASP B 234 -15.68 15.78 4.38
C ASP B 234 -16.82 14.88 3.96
N GLY B 235 -17.07 13.84 4.75
CA GLY B 235 -18.17 12.93 4.52
C GLY B 235 -17.87 11.83 3.53
N LYS B 236 -16.65 11.84 2.99
CA LYS B 236 -16.19 10.74 2.15
C LYS B 236 -15.16 9.93 2.91
N TYR B 237 -14.88 8.72 2.43
CA TYR B 237 -13.90 7.83 3.04
C TYR B 237 -13.03 7.21 1.96
N GLY B 238 -11.85 6.72 2.36
CA GLY B 238 -11.01 5.98 1.45
C GLY B 238 -11.44 4.53 1.48
N PHE B 239 -11.44 3.89 0.30
CA PHE B 239 -11.79 2.48 0.20
C PHE B 239 -10.57 1.64 -0.14
N TYR B 240 -10.47 0.51 0.55
CA TYR B 240 -9.28 -0.33 0.52
C TYR B 240 -9.66 -1.75 0.15
N THR B 241 -8.87 -2.38 -0.71
CA THR B 241 -9.08 -3.80 -1.03
C THR B 241 -8.87 -4.63 0.22
N HIS B 242 -9.81 -5.54 0.48
CA HIS B 242 -9.79 -6.40 1.66
C HIS B 242 -8.83 -7.56 1.39
N VAL B 243 -7.59 -7.43 1.84
CA VAL B 243 -6.55 -8.40 1.49
C VAL B 243 -6.90 -9.82 1.94
N PHE B 244 -7.36 -9.98 3.18
CA PHE B 244 -7.66 -11.33 3.60
C PHE B 244 -8.74 -12.02 2.76
N ARG B 245 -9.78 -11.27 2.38
CA ARG B 245 -10.86 -11.85 1.57
C ARG B 245 -10.34 -12.38 0.25
N LEU B 246 -9.22 -11.83 -0.23
CA LEU B 246 -8.68 -12.26 -1.51
C LEU B 246 -7.41 -13.11 -1.36
N LYS B 247 -7.12 -13.55 -0.14
CA LYS B 247 -5.87 -14.28 0.10
C LYS B 247 -5.83 -15.64 -0.60
N LYS B 248 -6.98 -16.27 -0.80
CA LYS B 248 -7.00 -17.55 -1.50
C LYS B 248 -6.43 -17.39 -2.90
N TRP B 249 -6.77 -16.27 -3.55
CA TRP B 249 -6.27 -16.01 -4.90
C TRP B 249 -4.77 -15.73 -4.86
N ILE B 250 -4.36 -14.90 -3.90
CA ILE B 250 -2.94 -14.62 -3.73
C ILE B 250 -2.14 -15.92 -3.61
N GLN B 251 -2.60 -16.82 -2.74
CA GLN B 251 -1.90 -18.07 -2.51
C GLN B 251 -1.92 -18.96 -3.75
N LYS B 252 -3.03 -18.96 -4.48
CA LYS B 252 -3.13 -19.73 -5.71
C LYS B 252 -2.10 -19.28 -6.73
N VAL B 253 -1.95 -17.97 -6.87
CA VAL B 253 -0.98 -17.41 -7.81
C VAL B 253 0.45 -17.74 -7.40
N ILE B 254 0.79 -17.52 -6.14
CA ILE B 254 2.14 -17.78 -5.67
C ILE B 254 2.47 -19.27 -5.73
N ASP B 255 1.51 -20.12 -5.39
CA ASP B 255 1.73 -21.57 -5.43
C ASP B 255 1.89 -22.10 -6.86
N GLN B 256 1.23 -21.44 -7.81
CA GLN B 256 1.24 -21.90 -9.20
C GLN B 256 2.44 -21.37 -9.98
N PHE B 257 2.84 -20.13 -9.70
CA PHE B 257 3.85 -19.47 -10.50
C PHE B 257 5.13 -19.19 -9.73
N GLY B 258 5.14 -19.53 -8.45
CA GLY B 258 6.30 -19.30 -7.60
C GLY B 258 7.42 -20.29 -7.85
N ASP C 3 10.91 15.93 -12.89
CA ASP C 3 11.15 16.13 -11.46
C ASP C 3 11.99 15.00 -10.88
N PHE C 4 11.98 13.84 -11.53
CA PHE C 4 12.71 12.68 -11.03
C PHE C 4 14.17 12.66 -11.48
N GLU C 5 15.06 12.34 -10.54
CA GLU C 5 16.47 12.16 -10.85
C GLU C 5 16.64 10.94 -11.75
N GLU C 6 17.48 11.06 -12.77
CA GLU C 6 17.74 9.95 -13.67
C GLU C 6 18.23 8.73 -12.89
N ILE C 7 17.74 7.54 -13.26
CA ILE C 7 18.24 6.32 -12.65
C ILE C 7 19.32 5.69 -13.52
N PRO C 8 20.20 4.88 -12.91
CA PRO C 8 21.26 4.26 -13.70
C PRO C 8 20.74 3.54 -14.93
N GLU C 9 21.45 3.69 -16.04
CA GLU C 9 21.01 3.18 -17.34
C GLU C 9 20.72 1.68 -17.36
N GLU C 10 21.46 0.91 -16.58
CA GLU C 10 21.33 -0.54 -16.63
C GLU C 10 19.92 -1.02 -16.26
N TYS C 11 19.16 -0.17 -15.57
CA TYS C 11 17.81 -0.54 -15.19
CB TYS C 11 17.39 0.19 -13.92
CG TYS C 11 18.23 -0.07 -12.74
CD1 TYS C 11 18.34 -1.34 -12.25
CD2 TYS C 11 18.94 1.00 -12.12
CE1 TYS C 11 19.17 -1.59 -11.12
CE2 TYS C 11 19.75 0.75 -11.01
CZ TYS C 11 19.86 -0.54 -10.50
OH TYS C 11 20.69 -0.78 -9.38
S TYS C 11 20.15 -0.67 -7.99
O1 TYS C 11 19.26 -1.88 -7.73
O2 TYS C 11 21.25 -0.69 -7.12
O3 TYS C 11 19.43 0.59 -7.85
C TYS C 11 16.82 -0.29 -16.30
O TYS C 11 15.66 -0.75 -16.20
N LEU C 12 17.24 0.43 -17.33
CA LEU C 12 16.35 0.72 -18.46
C LEU C 12 16.61 -0.22 -19.63
N GLN C 13 17.70 -0.98 -19.54
CA GLN C 13 18.08 -1.90 -20.62
C GLN C 13 17.33 -3.23 -20.49
C1 NAG D . -4.63 -5.23 -22.11
C2 NAG D . -5.78 -5.56 -23.05
C3 NAG D . -5.83 -7.00 -23.38
C4 NAG D . -4.56 -7.38 -23.95
C5 NAG D . -3.45 -7.16 -22.99
C6 NAG D . -2.19 -7.50 -23.60
C7 NAG D . -7.71 -5.62 -21.28
C8 NAG D . -7.12 -6.72 -20.48
N2 NAG D . -7.06 -5.09 -22.50
O3 NAG D . -6.88 -7.27 -24.30
O4 NAG D . -4.59 -8.73 -24.43
O5 NAG D . -3.39 -5.72 -22.56
O6 NAG D . -1.66 -6.59 -24.51
O7 NAG D . -8.78 -5.15 -20.92
C7 M34 E . -12.77 10.80 -9.43
S8 M34 E . -11.72 9.94 -8.47
C4 M34 E . -13.82 11.48 -8.58
C5 M34 E . -13.57 12.71 -8.01
C6 M34 E . -14.53 13.34 -7.22
C1 M34 E . -15.76 12.71 -7.00
C2 M34 E . -16.01 11.46 -7.56
C34 M34 E . -15.04 10.85 -8.35
O7 M34 E . -11.27 10.76 -7.39
O19 M34 E . -10.60 9.51 -9.26
N9 M34 E . -12.48 8.65 -7.86
C10 M34 E . -12.29 7.33 -8.41
C10 M34 E . -12.29 7.33 -8.42
C20 M34 E . -13.43 6.42 -7.98
C20 M34 E . -13.49 6.45 -8.05
C21 M34 E . -14.66 6.59 -8.86
C21 M34 E . -13.51 5.12 -8.80
C22 M34 E . -15.87 5.95 -8.20
C22 M34 E . -13.88 5.30 -10.26
C23 M34 E . -14.41 5.98 -10.24
C23 M34 E . -14.46 4.13 -8.13
C11 M34 E . -11.01 6.72 -7.92
O24 M34 E . -10.72 6.78 -6.73
N12 M34 E . -10.24 6.10 -8.81
C13 M34 E . -8.98 5.49 -8.37
C14 M34 E . -8.14 6.38 -7.51
O28 M34 E . -7.97 7.56 -7.81
C27 M34 E . -8.25 5.20 -9.68
C26 M34 E . -9.34 5.08 -10.73
C25 M34 E . -10.48 5.96 -10.25
N15 M34 E . -7.61 5.85 -6.42
C16 M34 E . -6.76 6.58 -5.49
C17 M34 E . -7.42 6.93 -4.18
C29 M34 E . -7.92 8.21 -3.97
C35 M34 E . -7.85 9.28 -5.03
N36 M34 E . -9.18 9.47 -5.61
C33 M34 E . -8.52 8.52 -2.76
C32 M34 E . -8.61 7.59 -1.75
C31 M34 E . -8.11 6.31 -1.99
CL28 M34 E . -8.22 5.07 -0.72
C30 M34 E . -7.51 5.97 -3.19
P PO4 F . -18.97 -8.01 -9.43
O1 PO4 F . -17.91 -8.51 -10.39
O2 PO4 F . -19.39 -9.14 -8.53
O3 PO4 F . -20.16 -7.48 -10.20
O4 PO4 F . -18.34 -6.88 -8.63
C1 GOL G . -2.88 6.71 -8.47
O1 GOL G . -4.02 7.20 -7.88
C2 GOL G . -2.85 6.67 -9.96
O2 GOL G . -1.59 6.49 -10.48
C3 GOL G . -3.88 5.75 -10.54
O3 GOL G . -4.35 6.06 -11.79
C1 GOL H . -16.32 -2.83 9.12
O1 GOL H . -16.37 -1.83 10.05
C2 GOL H . -15.32 -2.70 8.01
O2 GOL H . -14.76 -3.91 7.64
C3 GOL H . -15.78 -1.85 6.87
O3 GOL H . -15.08 -0.69 6.61
C1 GOL I . -14.75 2.68 -13.46
O1 GOL I . -14.23 2.27 -12.24
C2 GOL I . -16.19 3.09 -13.53
O2 GOL I . -16.68 3.67 -12.37
C3 GOL I . -16.52 3.86 -14.76
O3 GOL I . -15.97 3.43 -15.95
NA NA J . -25.08 4.51 -0.51
NA NA K . -13.15 12.23 4.41
#